data_4B2L
#
_entry.id   4B2L
#
_cell.length_a   37.620
_cell.length_b   78.770
_cell.length_c   39.630
_cell.angle_alpha   90.00
_cell.angle_beta   118.06
_cell.angle_gamma   90.00
#
_symmetry.space_group_name_H-M   'P 1 21 1'
#
loop_
_entity.id
_entity.type
_entity.pdbx_description
1 polymer 'DNA REPAIR AND RECOMBINATION PROTEIN RADA'
2 non-polymer 'PHOSPHATE ION'
3 non-polymer 'methyl L-tryptophanate'
4 water water
#
_entity_poly.entity_id   1
_entity_poly.type   'polypeptide(L)'
_entity_poly.pdbx_seq_one_letter_code
;MATIGRISTGSKSLDKLLGGGIETQAITEVFGEFGSGKTQLAHTLAVMVQLPPEEGGLNGSVMWIDTENTFRPERIREIA
QNRGLDPDEVLKHIAYARAFNSNHQMLLVQQAEDMIKELLNTDRPVKLLIVDSLTSHFRSEYIGRGALAERQQKLAKHLA
DLHRLANLYDIAVFVTNQVQANGGHILAHSATLRVYLRKGKGGKRIARLIDAPHLPEGEAVFSITEKGIED
;
_entity_poly.pdbx_strand_id   A
#
loop_
_chem_comp.id
_chem_comp.type
_chem_comp.name
_chem_comp.formula
PO4 non-polymer 'PHOSPHATE ION' 'O4 P -3'
TR7 non-polymer 'methyl L-tryptophanate' 'C12 H14 N2 O2'
#
# COMPACT_ATOMS: atom_id res chain seq x y z
N ALA A 2 15.42 -12.17 6.34
CA ALA A 2 15.40 -10.96 7.17
C ALA A 2 14.19 -10.94 8.11
N THR A 3 14.38 -10.37 9.29
CA THR A 3 13.28 -10.17 10.22
C THR A 3 12.22 -9.32 9.53
N ILE A 4 10.96 -9.63 9.77
CA ILE A 4 9.86 -8.85 9.23
C ILE A 4 9.89 -7.46 9.83
N GLY A 5 9.79 -6.43 8.99
CA GLY A 5 9.71 -5.06 9.47
C GLY A 5 8.27 -4.59 9.37
N ARG A 6 7.92 -3.58 10.14
CA ARG A 6 6.56 -3.05 10.09
C ARG A 6 6.56 -1.55 9.90
N ILE A 7 5.62 -1.06 9.10
CA ILE A 7 5.48 0.36 8.86
C ILE A 7 4.22 0.83 9.57
N SER A 8 4.35 1.84 10.42
CA SER A 8 3.18 2.41 11.08
C SER A 8 2.23 3.04 10.06
N THR A 9 0.92 2.83 10.27
CA THR A 9 -0.11 3.46 9.45
C THR A 9 -0.38 4.91 9.85
N GLY A 10 0.22 5.37 10.94
CA GLY A 10 -0.12 6.66 11.53
C GLY A 10 -1.14 6.54 12.64
N SER A 11 -1.92 5.46 12.63
CA SER A 11 -2.95 5.22 13.66
C SER A 11 -2.53 4.14 14.64
N LYS A 12 -2.43 4.49 15.92
CA LYS A 12 -2.10 3.51 16.96
C LYS A 12 -3.10 2.37 17.02
N SER A 13 -4.38 2.72 16.90
CA SER A 13 -5.45 1.73 16.89
C SER A 13 -5.29 0.74 15.74
N LEU A 14 -5.11 1.27 14.54
CA LEU A 14 -4.94 0.44 13.35
C LEU A 14 -3.66 -0.40 13.44
N ASP A 15 -2.57 0.22 13.88
CA ASP A 15 -1.33 -0.54 14.11
C ASP A 15 -1.54 -1.71 15.06
N LYS A 16 -2.28 -1.49 16.14
CA LYS A 16 -2.53 -2.54 17.11
C LYS A 16 -3.26 -3.72 16.45
N LEU A 17 -4.28 -3.39 15.65
CA LEU A 17 -5.04 -4.42 14.94
C LEU A 17 -4.16 -5.23 14.00
N LEU A 18 -3.20 -4.56 13.39
CA LEU A 18 -2.32 -5.18 12.44
C LEU A 18 -1.07 -5.84 13.05
N GLY A 19 -0.95 -5.81 14.37
CA GLY A 19 0.20 -6.37 15.04
C GLY A 19 1.43 -5.47 15.02
N GLY A 20 1.23 -4.18 14.81
CA GLY A 20 2.32 -3.22 14.84
C GLY A 20 2.42 -2.30 13.64
N GLY A 21 1.78 -2.68 12.54
CA GLY A 21 1.85 -1.91 11.31
C GLY A 21 1.80 -2.86 10.13
N ILE A 22 1.93 -2.37 8.90
CA ILE A 22 1.93 -3.28 7.76
C ILE A 22 3.29 -3.97 7.65
N GLU A 23 3.27 -5.24 7.25
CA GLU A 23 4.48 -6.06 7.24
C GLU A 23 5.25 -6.03 5.93
N THR A 24 6.57 -6.02 6.02
CA THR A 24 7.40 -6.40 4.88
C THR A 24 7.22 -7.90 4.65
N GLN A 25 7.62 -8.38 3.47
CA GLN A 25 7.46 -9.78 3.10
C GLN A 25 6.00 -10.22 3.11
N ALA A 26 5.10 -9.27 2.86
CA ALA A 26 3.67 -9.54 2.85
C ALA A 26 2.98 -8.58 1.90
N ILE A 27 1.79 -8.98 1.45
CA ILE A 27 0.91 -8.09 0.72
C ILE A 27 -0.29 -7.76 1.62
N THR A 28 -0.46 -6.48 1.91
CA THR A 28 -1.64 -6.02 2.64
C THR A 28 -2.61 -5.44 1.64
N GLU A 29 -3.85 -5.93 1.66
CA GLU A 29 -4.87 -5.61 0.66
C GLU A 29 -6.01 -4.91 1.34
N VAL A 30 -6.23 -3.64 1.02
CA VAL A 30 -7.22 -2.83 1.71
C VAL A 30 -8.40 -2.52 0.80
N PHE A 31 -9.59 -2.94 1.23
CA PHE A 31 -10.81 -2.78 0.45
C PHE A 31 -11.60 -1.60 0.99
N GLY A 32 -12.27 -0.87 0.10
CA GLY A 32 -13.21 0.12 0.57
C GLY A 32 -13.90 0.85 -0.55
N GLU A 33 -15.07 1.40 -0.27
CA GLU A 33 -15.80 2.17 -1.24
C GLU A 33 -15.16 3.54 -1.36
N PHE A 34 -15.63 4.31 -2.32
CA PHE A 34 -15.09 5.64 -2.54
C PHE A 34 -15.17 6.44 -1.25
N GLY A 35 -14.06 7.04 -0.84
CA GLY A 35 -14.02 7.83 0.38
C GLY A 35 -13.80 7.05 1.66
N SER A 36 -13.49 5.76 1.52
CA SER A 36 -13.30 4.89 2.68
C SER A 36 -12.02 5.19 3.47
N GLY A 37 -11.04 5.78 2.79
CA GLY A 37 -9.75 6.05 3.41
C GLY A 37 -8.60 5.22 2.89
N LYS A 38 -8.86 4.31 1.95
CA LYS A 38 -7.80 3.40 1.49
C LYS A 38 -6.66 4.12 0.76
N THR A 39 -6.98 5.11 -0.05
CA THR A 39 -5.96 5.86 -0.73
C THR A 39 -5.28 6.85 0.24
N GLN A 40 -6.02 7.38 1.20
CA GLN A 40 -5.43 8.21 2.25
C GLN A 40 -4.39 7.42 3.06
N LEU A 41 -4.73 6.17 3.33
CA LEU A 41 -3.83 5.26 4.03
C LEU A 41 -2.59 5.03 3.18
N ALA A 42 -2.80 4.84 1.89
CA ALA A 42 -1.68 4.69 0.97
C ALA A 42 -0.74 5.90 1.03
N HIS A 43 -1.30 7.09 0.95
CA HIS A 43 -0.49 8.32 1.00
C HIS A 43 0.27 8.44 2.32
N THR A 44 -0.38 8.06 3.42
CA THR A 44 0.22 8.15 4.76
C THR A 44 1.39 7.18 4.89
N LEU A 45 1.18 5.94 4.45
CA LEU A 45 2.25 4.95 4.45
C LEU A 45 3.49 5.37 3.64
N ALA A 46 3.25 6.06 2.52
CA ALA A 46 4.35 6.49 1.64
C ALA A 46 5.22 7.54 2.33
N VAL A 47 4.65 8.21 3.33
CA VAL A 47 5.41 9.12 4.17
C VAL A 47 6.02 8.39 5.35
N MET A 48 5.19 7.64 6.10
CA MET A 48 5.67 6.98 7.31
C MET A 48 6.90 6.11 7.04
N VAL A 49 6.93 5.41 5.91
CA VAL A 49 7.99 4.42 5.69
C VAL A 49 9.36 5.12 5.60
N GLN A 50 9.34 6.39 5.31
CA GLN A 50 10.60 7.13 5.16
C GLN A 50 11.22 7.54 6.49
N LEU A 51 10.46 7.41 7.56
CA LEU A 51 10.96 7.72 8.91
C LEU A 51 11.85 6.60 9.42
N PRO A 52 12.64 6.89 10.46
CA PRO A 52 13.39 5.85 11.17
C PRO A 52 12.43 4.97 11.98
N PRO A 53 12.88 3.76 12.35
CA PRO A 53 12.06 2.79 13.11
C PRO A 53 11.47 3.36 14.40
N GLU A 54 12.23 4.18 15.14
CA GLU A 54 11.73 4.75 16.38
C GLU A 54 10.51 5.62 16.12
N GLU A 55 10.38 6.09 14.88
CA GLU A 55 9.26 6.93 14.50
C GLU A 55 8.22 6.16 13.67
N GLY A 56 8.45 4.86 13.47
CA GLY A 56 7.46 4.02 12.80
C GLY A 56 7.72 3.71 11.34
N GLY A 57 8.89 4.09 10.84
CA GLY A 57 9.25 3.79 9.46
C GLY A 57 10.38 2.80 9.34
N LEU A 58 10.94 2.70 8.14
CA LEU A 58 11.99 1.73 7.87
C LEU A 58 13.11 2.37 7.05
N ASN A 59 13.23 3.68 7.18
CA ASN A 59 14.23 4.44 6.42
C ASN A 59 14.24 3.98 4.96
N GLY A 60 13.06 3.93 4.34
CA GLY A 60 12.93 3.39 3.01
C GLY A 60 12.43 4.35 1.95
N SER A 61 12.58 3.93 0.71
CA SER A 61 12.00 4.58 -0.46
C SER A 61 10.70 3.87 -0.83
N VAL A 62 9.96 4.48 -1.74
CA VAL A 62 8.65 4.00 -2.14
C VAL A 62 8.57 3.88 -3.65
N MET A 63 7.82 2.90 -4.12
CA MET A 63 7.44 2.80 -5.53
C MET A 63 5.93 2.71 -5.58
N TRP A 64 5.32 3.53 -6.42
CA TRP A 64 3.88 3.73 -6.45
C TRP A 64 3.32 3.56 -7.85
N ILE A 65 2.49 2.54 -8.04
CA ILE A 65 1.83 2.29 -9.31
C ILE A 65 0.38 2.73 -9.20
N ASP A 66 -0.02 3.66 -10.07
CA ASP A 66 -1.31 4.34 -9.98
C ASP A 66 -2.14 3.92 -11.19
N THR A 67 -3.31 3.32 -10.98
CA THR A 67 -4.13 2.86 -12.10
C THR A 67 -5.26 3.82 -12.49
N GLU A 68 -5.70 4.68 -11.57
CA GLU A 68 -6.82 5.56 -11.86
C GLU A 68 -6.60 7.02 -11.50
N ASN A 69 -5.34 7.44 -11.44
CA ASN A 69 -5.02 8.85 -11.20
C ASN A 69 -5.51 9.29 -9.83
N THR A 70 -5.15 8.52 -8.81
CA THR A 70 -5.53 8.88 -7.45
C THR A 70 -4.35 9.35 -6.58
N PHE A 71 -3.13 9.32 -7.12
CA PHE A 71 -1.97 9.83 -6.39
C PHE A 71 -1.97 11.35 -6.40
N ARG A 72 -1.79 11.95 -5.23
CA ARG A 72 -1.80 13.41 -5.12
C ARG A 72 -0.51 13.89 -4.47
N PRO A 73 0.43 14.40 -5.27
CA PRO A 73 1.70 14.86 -4.71
C PRO A 73 1.46 15.93 -3.65
N GLU A 74 0.45 16.78 -3.84
CA GLU A 74 0.18 17.83 -2.86
C GLU A 74 -0.24 17.25 -1.50
N ARG A 75 -0.89 16.09 -1.52
CA ARG A 75 -1.28 15.44 -0.29
C ARG A 75 -0.07 14.83 0.42
N ILE A 76 0.86 14.27 -0.35
CA ILE A 76 2.15 13.85 0.20
C ILE A 76 2.87 15.01 0.91
N ARG A 77 2.95 16.14 0.23
CA ARG A 77 3.62 17.31 0.81
C ARG A 77 2.94 17.70 2.11
N GLU A 78 1.62 17.75 2.09
CA GLU A 78 0.89 18.13 3.28
C GLU A 78 1.15 17.18 4.45
N ILE A 79 1.05 15.88 4.18
CA ILE A 79 1.27 14.90 5.24
C ILE A 79 2.69 15.02 5.78
N ALA A 80 3.65 15.18 4.88
CA ALA A 80 5.06 15.33 5.25
C ALA A 80 5.24 16.53 6.16
N GLN A 81 4.72 17.69 5.74
CA GLN A 81 4.92 18.93 6.49
C GLN A 81 4.30 18.88 7.88
N ASN A 82 3.06 18.38 7.96
CA ASN A 82 2.38 18.24 9.24
C ASN A 82 3.01 17.21 10.15
N ARG A 83 3.92 16.41 9.60
CA ARG A 83 4.64 15.44 10.40
C ARG A 83 6.09 15.87 10.63
N GLY A 84 6.35 17.16 10.43
CA GLY A 84 7.67 17.74 10.67
C GLY A 84 8.72 17.37 9.65
N LEU A 85 8.30 16.80 8.53
CA LEU A 85 9.22 16.35 7.49
C LEU A 85 9.37 17.39 6.38
N ASP A 86 10.38 17.19 5.52
CA ASP A 86 10.56 18.07 4.37
C ASP A 86 9.79 17.52 3.18
N PRO A 87 8.76 18.27 2.73
CA PRO A 87 7.86 17.78 1.68
C PRO A 87 8.59 17.47 0.37
N ASP A 88 9.60 18.25 0.03
CA ASP A 88 10.35 18.01 -1.18
C ASP A 88 11.15 16.71 -1.15
N GLU A 89 11.81 16.44 -0.02
CA GLU A 89 12.59 15.22 0.09
C GLU A 89 11.68 14.00 0.09
N VAL A 90 10.56 14.10 0.81
CA VAL A 90 9.62 12.99 0.88
C VAL A 90 9.10 12.62 -0.52
N LEU A 91 8.70 13.64 -1.30
CA LEU A 91 8.26 13.38 -2.68
C LEU A 91 9.34 12.76 -3.58
N LYS A 92 10.59 13.16 -3.39
CA LYS A 92 11.69 12.68 -4.23
C LYS A 92 11.93 11.20 -4.05
N HIS A 93 11.50 10.65 -2.92
CA HIS A 93 11.78 9.25 -2.65
C HIS A 93 10.56 8.37 -2.89
N ILE A 94 9.59 8.93 -3.60
CA ILE A 94 8.45 8.16 -4.12
C ILE A 94 8.58 8.08 -5.64
N ALA A 95 8.96 6.92 -6.14
CA ALA A 95 9.02 6.70 -7.57
C ALA A 95 7.60 6.44 -8.05
N TYR A 96 7.17 7.19 -9.05
CA TYR A 96 5.80 7.12 -9.54
C TYR A 96 5.67 6.52 -10.93
N ALA A 97 4.72 5.63 -11.11
CA ALA A 97 4.40 5.12 -12.43
C ALA A 97 2.88 5.01 -12.61
N ARG A 98 2.39 5.60 -13.69
CA ARG A 98 1.01 5.41 -14.10
C ARG A 98 0.90 4.11 -14.90
N ALA A 99 -0.10 3.28 -14.56
CA ALA A 99 -0.38 2.09 -15.34
C ALA A 99 -1.61 2.38 -16.20
N PHE A 100 -1.45 2.25 -17.52
CA PHE A 100 -2.52 2.60 -18.46
C PHE A 100 -3.53 1.50 -18.69
N ASN A 101 -3.14 0.25 -18.42
CA ASN A 101 -4.01 -0.89 -18.61
C ASN A 101 -3.44 -2.06 -17.82
N SER A 102 -4.15 -3.18 -17.79
CA SER A 102 -3.73 -4.31 -16.96
C SER A 102 -2.41 -4.94 -17.38
N ASN A 103 -2.14 -5.02 -18.67
CA ASN A 103 -0.86 -5.54 -19.13
C ASN A 103 0.29 -4.67 -18.66
N HIS A 104 0.12 -3.37 -18.86
CA HIS A 104 1.11 -2.39 -18.49
C HIS A 104 1.33 -2.47 -16.97
N GLN A 105 0.25 -2.62 -16.23
CA GLN A 105 0.36 -2.74 -14.77
C GLN A 105 1.26 -3.91 -14.37
N MET A 106 1.04 -5.06 -15.01
CA MET A 106 1.84 -6.25 -14.73
C MET A 106 3.30 -6.03 -15.14
N LEU A 107 3.51 -5.39 -16.30
CA LEU A 107 4.83 -5.06 -16.78
C LEU A 107 5.57 -4.14 -15.78
N LEU A 108 4.85 -3.17 -15.24
CA LEU A 108 5.47 -2.22 -14.31
C LEU A 108 6.00 -2.91 -13.05
N VAL A 109 5.28 -3.93 -12.59
CA VAL A 109 5.72 -4.69 -11.42
C VAL A 109 6.99 -5.48 -11.76
N GLN A 110 6.97 -6.14 -12.91
CA GLN A 110 8.17 -6.78 -13.44
C GLN A 110 9.36 -5.83 -13.54
N GLN A 111 9.15 -4.65 -14.12
CA GLN A 111 10.22 -3.68 -14.32
C GLN A 111 10.73 -3.10 -12.99
N ALA A 112 9.87 -3.02 -11.98
CA ALA A 112 10.25 -2.39 -10.73
C ALA A 112 11.44 -3.05 -10.07
N GLU A 113 11.64 -4.33 -10.36
CA GLU A 113 12.74 -5.08 -9.74
C GLU A 113 14.10 -4.42 -10.00
N ASP A 114 14.25 -3.79 -11.16
CA ASP A 114 15.49 -3.10 -11.49
C ASP A 114 15.83 -2.00 -10.49
N MET A 115 14.84 -1.15 -10.18
N MET A 115 14.84 -1.17 -10.17
CA MET A 115 15.06 -0.08 -9.21
CA MET A 115 15.04 -0.09 -9.22
C MET A 115 15.27 -0.66 -7.81
C MET A 115 15.23 -0.64 -7.81
N ILE A 116 14.54 -1.72 -7.51
CA ILE A 116 14.65 -2.36 -6.20
C ILE A 116 16.08 -2.88 -6.02
N LYS A 117 16.62 -3.51 -7.05
CA LYS A 117 18.00 -3.97 -7.01
C LYS A 117 18.97 -2.81 -6.84
N GLU A 118 18.76 -1.74 -7.59
CA GLU A 118 19.63 -0.56 -7.53
C GLU A 118 19.70 0.02 -6.12
N LEU A 119 18.56 0.05 -5.44
CA LEU A 119 18.48 0.73 -4.16
C LEU A 119 18.77 -0.20 -2.99
N LEU A 120 18.88 -1.49 -3.27
CA LEU A 120 18.86 -2.52 -2.22
C LEU A 120 19.90 -2.34 -1.13
N ASN A 121 21.13 -2.02 -1.50
CA ASN A 121 22.17 -1.90 -0.50
C ASN A 121 22.62 -0.45 -0.34
N THR A 122 21.65 0.44 -0.46
CA THR A 122 21.88 1.87 -0.25
C THR A 122 21.29 2.36 1.08
N ASP A 123 21.33 3.67 1.30
CA ASP A 123 20.75 4.27 2.49
C ASP A 123 19.23 4.34 2.45
N ARG A 124 18.62 4.09 1.30
CA ARG A 124 17.16 4.22 1.14
C ARG A 124 16.62 3.09 0.26
N PRO A 125 16.72 1.84 0.74
CA PRO A 125 16.21 0.73 -0.07
C PRO A 125 14.70 0.88 -0.23
N VAL A 126 14.14 0.33 -1.31
CA VAL A 126 12.68 0.30 -1.44
C VAL A 126 12.11 -0.53 -0.31
N LYS A 127 11.18 0.05 0.45
CA LYS A 127 10.56 -0.68 1.55
C LYS A 127 9.05 -0.75 1.42
N LEU A 128 8.49 -0.02 0.45
CA LEU A 128 7.05 0.02 0.23
C LEU A 128 6.76 0.08 -1.25
N LEU A 129 5.93 -0.83 -1.73
CA LEU A 129 5.47 -0.86 -3.11
C LEU A 129 3.96 -0.82 -3.08
N ILE A 130 3.40 0.24 -3.65
CA ILE A 130 1.95 0.45 -3.63
C ILE A 130 1.40 0.16 -5.01
N VAL A 131 0.29 -0.57 -5.07
CA VAL A 131 -0.51 -0.67 -6.29
C VAL A 131 -1.91 -0.20 -5.96
N ASP A 132 -2.29 0.97 -6.47
CA ASP A 132 -3.58 1.59 -6.19
C ASP A 132 -4.16 1.87 -7.55
N SER A 133 -5.04 1.01 -8.06
CA SER A 133 -5.57 -0.11 -7.31
C SER A 133 -5.25 -1.42 -8.01
N LEU A 134 -5.38 -2.51 -7.27
CA LEU A 134 -5.00 -3.81 -7.78
C LEU A 134 -5.83 -4.25 -8.97
N THR A 135 -7.13 -3.91 -8.96
CA THR A 135 -8.06 -4.58 -9.88
C THR A 135 -8.81 -3.69 -10.87
N SER A 136 -8.67 -2.37 -10.78
CA SER A 136 -9.51 -1.53 -11.61
C SER A 136 -9.39 -1.86 -13.09
N HIS A 137 -8.16 -2.02 -13.59
CA HIS A 137 -7.98 -2.34 -15.00
C HIS A 137 -8.51 -3.73 -15.34
N PHE A 138 -8.30 -4.69 -14.44
CA PHE A 138 -8.73 -6.05 -14.72
C PHE A 138 -10.26 -6.10 -14.80
N ARG A 139 -10.92 -5.36 -13.90
CA ARG A 139 -12.38 -5.30 -13.87
C ARG A 139 -12.91 -4.62 -15.13
N SER A 140 -12.20 -3.61 -15.60
CA SER A 140 -12.62 -2.83 -16.77
C SER A 140 -12.44 -3.63 -18.07
N GLU A 141 -11.38 -4.42 -18.13
CA GLU A 141 -10.98 -5.06 -19.38
C GLU A 141 -11.59 -6.43 -19.59
N TYR A 142 -11.75 -7.20 -18.52
CA TYR A 142 -12.19 -8.58 -18.65
C TYR A 142 -13.65 -8.71 -18.22
N ILE A 143 -14.56 -8.46 -19.17
CA ILE A 143 -16.00 -8.42 -18.88
C ILE A 143 -16.74 -9.73 -19.14
N GLY A 144 -17.59 -10.12 -18.20
CA GLY A 144 -18.47 -11.25 -18.41
C GLY A 144 -17.76 -12.57 -18.18
N ARG A 145 -18.48 -13.67 -18.34
CA ARG A 145 -17.94 -14.98 -17.98
C ARG A 145 -16.92 -15.56 -18.95
N GLY A 146 -16.98 -15.16 -20.22
CA GLY A 146 -15.98 -15.60 -21.18
C GLY A 146 -14.59 -15.08 -20.83
N ALA A 147 -14.55 -14.08 -19.96
CA ALA A 147 -13.31 -13.39 -19.66
C ALA A 147 -12.75 -13.72 -18.27
N LEU A 148 -13.58 -14.33 -17.43
CA LEU A 148 -13.21 -14.55 -16.04
C LEU A 148 -11.96 -15.42 -15.87
N ALA A 149 -11.85 -16.47 -16.67
CA ALA A 149 -10.72 -17.39 -16.56
C ALA A 149 -9.39 -16.67 -16.74
N GLU A 150 -9.28 -15.92 -17.83
CA GLU A 150 -8.06 -15.18 -18.10
C GLU A 150 -7.82 -14.09 -17.04
N ARG A 151 -8.90 -13.44 -16.61
CA ARG A 151 -8.78 -12.38 -15.61
C ARG A 151 -8.16 -12.93 -14.34
N GLN A 152 -8.71 -14.05 -13.86
CA GLN A 152 -8.23 -14.69 -12.65
C GLN A 152 -6.78 -15.17 -12.80
N GLN A 153 -6.47 -15.74 -13.96
CA GLN A 153 -5.11 -16.20 -14.25
C GLN A 153 -4.10 -15.06 -14.21
N LYS A 154 -4.39 -13.97 -14.92
CA LYS A 154 -3.52 -12.81 -14.97
C LYS A 154 -3.35 -12.19 -13.58
N LEU A 155 -4.48 -11.99 -12.89
CA LEU A 155 -4.42 -11.44 -11.54
C LEU A 155 -3.58 -12.31 -10.62
N ALA A 156 -3.76 -13.62 -10.71
CA ALA A 156 -2.98 -14.55 -9.91
C ALA A 156 -1.48 -14.40 -10.18
N LYS A 157 -1.12 -14.29 -11.46
CA LYS A 157 0.27 -14.10 -11.83
C LYS A 157 0.80 -12.78 -11.25
N HIS A 158 -0.01 -11.73 -11.37
CA HIS A 158 0.34 -10.40 -10.87
C HIS A 158 0.63 -10.44 -9.36
N LEU A 159 -0.27 -11.07 -8.62
CA LEU A 159 -0.09 -11.21 -7.19
C LEU A 159 1.15 -12.03 -6.87
N ALA A 160 1.42 -13.07 -7.66
CA ALA A 160 2.62 -13.88 -7.44
C ALA A 160 3.90 -13.05 -7.65
N ASP A 161 3.91 -12.21 -8.69
CA ASP A 161 5.05 -11.32 -8.94
C ASP A 161 5.25 -10.38 -7.74
N LEU A 162 4.15 -9.85 -7.22
CA LEU A 162 4.23 -8.94 -6.07
C LEU A 162 4.74 -9.66 -4.82
N HIS A 163 4.27 -10.88 -4.56
CA HIS A 163 4.70 -11.65 -3.40
C HIS A 163 6.19 -11.90 -3.47
N ARG A 164 6.66 -12.19 -4.69
CA ARG A 164 8.05 -12.51 -4.89
C ARG A 164 8.93 -11.31 -4.55
N LEU A 165 8.54 -10.13 -5.01
CA LEU A 165 9.32 -8.94 -4.70
C LEU A 165 9.30 -8.67 -3.20
N ALA A 166 8.13 -8.84 -2.59
CA ALA A 166 7.99 -8.61 -1.15
C ALA A 166 8.92 -9.52 -0.35
N ASN A 167 8.93 -10.80 -0.70
CA ASN A 167 9.71 -11.80 0.04
C ASN A 167 11.20 -11.71 -0.24
N LEU A 168 11.55 -11.59 -1.51
CA LEU A 168 12.95 -11.58 -1.92
C LEU A 168 13.70 -10.33 -1.46
N TYR A 169 13.03 -9.19 -1.45
CA TYR A 169 13.70 -7.93 -1.20
C TYR A 169 13.22 -7.23 0.08
N ASP A 170 12.44 -7.95 0.89
CA ASP A 170 12.01 -7.44 2.20
C ASP A 170 11.25 -6.12 2.06
N ILE A 171 10.20 -6.16 1.25
CA ILE A 171 9.39 -4.99 0.95
C ILE A 171 7.97 -5.23 1.45
N ALA A 172 7.32 -4.18 1.96
CA ALA A 172 5.89 -4.26 2.28
C ALA A 172 5.14 -3.85 1.03
N VAL A 173 4.33 -4.77 0.52
CA VAL A 173 3.47 -4.46 -0.61
C VAL A 173 2.09 -4.10 -0.08
N PHE A 174 1.55 -2.99 -0.59
CA PHE A 174 0.28 -2.45 -0.13
C PHE A 174 -0.58 -2.21 -1.35
N VAL A 175 -1.73 -2.86 -1.44
CA VAL A 175 -2.60 -2.72 -2.60
C VAL A 175 -4.01 -2.39 -2.17
N THR A 176 -4.71 -1.62 -2.99
CA THR A 176 -6.10 -1.29 -2.72
C THR A 176 -7.02 -2.06 -3.65
N ASN A 177 -8.26 -2.22 -3.22
CA ASN A 177 -9.20 -3.04 -3.96
C ASN A 177 -10.60 -2.59 -3.56
N GLN A 178 -11.60 -3.17 -4.23
CA GLN A 178 -12.99 -2.93 -3.88
C GLN A 178 -13.75 -4.24 -4.03
N VAL A 179 -14.79 -4.42 -3.23
CA VAL A 179 -15.49 -5.69 -3.17
C VAL A 179 -16.34 -5.96 -4.41
N SER A 190 -3.55 -16.09 3.52
CA SER A 190 -2.94 -15.81 2.22
C SER A 190 -3.99 -15.81 1.11
N ALA A 191 -3.65 -15.26 -0.05
CA ALA A 191 -2.33 -14.71 -0.32
C ALA A 191 -2.05 -13.42 0.45
N THR A 192 -3.11 -12.65 0.70
CA THR A 192 -2.97 -11.29 1.22
C THR A 192 -3.58 -11.15 2.63
N LEU A 193 -3.14 -10.12 3.33
CA LEU A 193 -3.78 -9.74 4.59
C LEU A 193 -4.87 -8.76 4.25
N ARG A 194 -6.12 -9.13 4.48
CA ARG A 194 -7.25 -8.33 3.99
C ARG A 194 -7.85 -7.47 5.06
N VAL A 195 -7.93 -6.18 4.77
CA VAL A 195 -8.49 -5.19 5.67
C VAL A 195 -9.61 -4.46 4.94
N TYR A 196 -10.79 -4.39 5.58
CA TYR A 196 -11.95 -3.73 4.98
C TYR A 196 -12.28 -2.42 5.66
N LEU A 197 -12.32 -1.34 4.90
CA LEU A 197 -12.62 -0.03 5.45
C LEU A 197 -14.06 0.37 5.22
N ARG A 198 -14.65 1.03 6.21
CA ARG A 198 -16.01 1.52 6.06
C ARG A 198 -16.18 2.81 6.83
N LYS A 199 -17.27 3.53 6.54
CA LYS A 199 -17.58 4.76 7.24
C LYS A 199 -18.06 4.46 8.66
N GLY A 200 -17.51 5.17 9.62
CA GLY A 200 -17.95 5.06 11.00
C GLY A 200 -18.86 6.22 11.31
N LYS A 201 -18.88 6.60 12.58
CA LYS A 201 -19.72 7.71 13.02
C LYS A 201 -18.92 9.01 13.03
N GLY A 202 -19.57 10.12 12.68
CA GLY A 202 -18.96 11.43 12.78
C GLY A 202 -17.74 11.65 11.91
N GLY A 203 -17.71 11.00 10.75
CA GLY A 203 -16.62 11.19 9.82
C GLY A 203 -15.42 10.31 10.11
N LYS A 204 -15.47 9.52 11.18
CA LYS A 204 -14.39 8.58 11.46
C LYS A 204 -14.51 7.35 10.56
N ARG A 205 -13.40 6.63 10.40
CA ARG A 205 -13.39 5.45 9.55
C ARG A 205 -13.16 4.22 10.41
N ILE A 206 -13.63 3.07 9.93
CA ILE A 206 -13.42 1.84 10.67
C ILE A 206 -12.72 0.82 9.79
N ALA A 207 -11.65 0.23 10.31
CA ALA A 207 -10.99 -0.87 9.61
C ALA A 207 -11.33 -2.19 10.29
N ARG A 208 -11.65 -3.20 9.50
CA ARG A 208 -11.89 -4.53 10.02
C ARG A 208 -10.96 -5.55 9.35
N LEU A 209 -10.23 -6.28 10.18
CA LEU A 209 -9.29 -7.28 9.71
C LEU A 209 -10.05 -8.58 9.61
N ILE A 210 -9.96 -9.24 8.47
CA ILE A 210 -10.72 -10.48 8.25
C ILE A 210 -9.83 -11.61 7.71
N ASP A 211 -10.00 -12.79 8.29
CA ASP A 211 -9.35 -14.00 7.79
C ASP A 211 -7.82 -14.02 7.86
N ALA A 212 -7.28 -13.28 8.82
CA ALA A 212 -5.85 -13.31 9.06
C ALA A 212 -5.48 -14.65 9.70
N PRO A 213 -4.49 -15.36 9.14
CA PRO A 213 -4.10 -16.67 9.70
C PRO A 213 -3.56 -16.58 11.11
N HIS A 214 -2.87 -15.51 11.44
CA HIS A 214 -2.20 -15.43 12.74
C HIS A 214 -2.38 -14.09 13.50
N LEU A 215 -3.43 -13.36 13.15
CA LEU A 215 -3.87 -12.20 13.92
C LEU A 215 -5.37 -12.33 14.12
N PRO A 216 -5.86 -12.01 15.33
CA PRO A 216 -7.30 -12.12 15.55
C PRO A 216 -8.05 -11.10 14.72
N GLU A 217 -9.24 -11.45 14.26
CA GLU A 217 -10.10 -10.46 13.66
C GLU A 217 -10.39 -9.38 14.68
N GLY A 218 -10.73 -8.21 14.20
CA GLY A 218 -11.01 -7.10 15.08
C GLY A 218 -11.24 -5.86 14.25
N GLU A 219 -11.49 -4.76 14.94
CA GLU A 219 -11.77 -3.49 14.30
C GLU A 219 -10.97 -2.36 14.94
N ALA A 220 -10.63 -1.36 14.14
CA ALA A 220 -9.94 -0.19 14.65
C ALA A 220 -10.62 1.03 14.08
N VAL A 221 -10.86 2.02 14.92
CA VAL A 221 -11.46 3.26 14.46
C VAL A 221 -10.33 4.27 14.32
N PHE A 222 -10.32 4.99 13.20
CA PHE A 222 -9.30 5.97 12.94
C PHE A 222 -9.87 7.22 12.29
N SER A 223 -9.04 8.25 12.23
CA SER A 223 -9.41 9.53 11.64
C SER A 223 -8.56 9.86 10.43
N ILE A 224 -9.06 10.77 9.60
CA ILE A 224 -8.29 11.34 8.50
C ILE A 224 -8.06 12.81 8.79
N THR A 225 -6.79 13.21 8.85
CA THR A 225 -6.44 14.56 9.26
C THR A 225 -5.40 15.14 8.31
N GLU A 226 -4.86 16.30 8.64
CA GLU A 226 -3.79 16.89 7.84
C GLU A 226 -2.52 16.06 7.93
N LYS A 227 -2.44 15.19 8.93
CA LYS A 227 -1.32 14.26 9.05
C LYS A 227 -1.58 12.96 8.29
N GLY A 228 -2.73 12.89 7.61
CA GLY A 228 -3.12 11.68 6.93
C GLY A 228 -3.99 10.84 7.84
N ILE A 229 -3.55 9.62 8.12
CA ILE A 229 -4.24 8.72 9.04
C ILE A 229 -3.68 8.86 10.45
N GLU A 230 -4.56 8.94 11.44
CA GLU A 230 -4.15 8.82 12.83
C GLU A 230 -5.40 8.49 13.64
N ASP A 231 -5.24 8.19 14.93
CA ASP A 231 -6.39 7.85 15.78
C ASP A 231 -7.39 9.00 15.76
P PO4 B . -9.70 7.77 -0.52
O1 PO4 B . -11.28 7.42 -0.88
O2 PO4 B . -8.86 7.02 0.62
O3 PO4 B . -9.14 9.11 -0.91
O4 PO4 B . -10.48 7.99 0.73
N TR7 C . 12.15 4.36 -13.77
CA TR7 C . 11.37 3.31 -13.07
C TR7 C . 12.14 1.99 -13.08
O TR7 C . 11.95 1.11 -12.05
CB TR7 C . 10.03 3.11 -13.78
CG TR7 C . 9.19 2.04 -13.08
CD1 TR7 C . 9.04 0.76 -13.43
CD2 TR7 C . 8.41 2.23 -11.94
NE1 TR7 C . 8.22 0.13 -12.57
CE2 TR7 C . 7.82 1.01 -11.67
CE3 TR7 C . 8.16 3.34 -11.14
CZ2 TR7 C . 6.97 0.89 -10.58
CZ3 TR7 C . 7.31 3.22 -10.05
CH2 TR7 C . 6.72 1.99 -9.78
OXT TR7 C . 12.92 1.71 -13.99
CAJ TR7 C . 12.75 -0.06 -12.24
#